data_8RQU
#
_entry.id   8RQU
#
_cell.length_a   114.618
_cell.length_b   114.618
_cell.length_c   48.882
_cell.angle_alpha   90.000
_cell.angle_beta   90.000
_cell.angle_gamma   90.000
#
_symmetry.space_group_name_H-M   'P 43'
#
loop_
_entity.id
_entity.type
_entity.pdbx_description
1 polymer 'Beta-lactamase TEM-1'
2 non-polymer 'MAGNESIUM ION'
3 water water
#
_entity_poly.entity_id   1
_entity_poly.type   'polypeptide(L)'
_entity_poly.pdbx_seq_one_letter_code
;GSHMPETLVTVRRIEAQLGARVGVAVLDTGSGRSWEGYRADERFPMASTFKVLACGALLSRVDAGQEDLDRRIRYTQDEL
VTYSPVTEKHLDDGMTLRALCEATITTSDNTAANLILEALGGPKALTRFLRAIGDPVTRLDRWETALNEATPGDVRDTTT
PRAMAATLRTLLLGDALTPASRQQLIAWLEANQVGGPLLRAGLPAGWRIGDKTGAGGRGTRGIVAIVWPPGRAPLIAAVY
LTESEASMDERNAAIAEIGAALVKHW
;
_entity_poly.pdbx_strand_id   A,B
#
# COMPACT_ATOMS: atom_id res chain seq x y z
N PRO A 5 3.27 5.48 -16.02
CA PRO A 5 3.49 4.98 -14.66
C PRO A 5 4.96 4.92 -14.28
N GLU A 6 5.46 3.70 -14.00
CA GLU A 6 6.85 3.41 -13.64
C GLU A 6 7.32 4.19 -12.41
N THR A 7 6.87 5.43 -12.27
CA THR A 7 6.92 6.08 -10.98
C THR A 7 6.03 5.31 -10.00
N LEU A 8 5.06 4.54 -10.53
CA LEU A 8 4.23 3.67 -9.71
C LEU A 8 5.00 2.44 -9.24
N VAL A 9 5.87 1.89 -10.09
CA VAL A 9 6.67 0.74 -9.71
C VAL A 9 7.66 1.10 -8.60
N THR A 10 8.19 2.32 -8.65
CA THR A 10 9.15 2.72 -7.63
C THR A 10 8.47 2.78 -6.27
N VAL A 11 7.24 3.30 -6.24
CA VAL A 11 6.52 3.41 -4.98
C VAL A 11 6.14 2.03 -4.47
N ARG A 12 5.64 1.18 -5.35
CA ARG A 12 5.31 -0.17 -4.93
C ARG A 12 6.54 -0.92 -4.44
N ARG A 13 7.67 -0.73 -5.11
CA ARG A 13 8.92 -1.36 -4.66
C ARG A 13 9.38 -0.81 -3.33
N ILE A 14 9.22 0.48 -3.10
CA ILE A 14 9.66 1.03 -1.83
C ILE A 14 8.86 0.43 -0.70
N GLU A 15 7.55 0.26 -0.90
CA GLU A 15 6.72 -0.37 0.13
C GLU A 15 7.17 -1.79 0.39
N ALA A 16 7.51 -2.51 -0.67
CA ALA A 16 7.89 -3.91 -0.53
C ALA A 16 9.29 -4.03 0.05
N GLN A 17 10.20 -3.13 -0.36
CA GLN A 17 11.55 -3.21 0.19
C GLN A 17 11.64 -2.68 1.61
N LEU A 18 10.94 -1.60 1.92
CA LEU A 18 11.08 -0.96 3.22
C LEU A 18 10.03 -1.41 4.22
N GLY A 19 9.04 -2.20 3.80
CA GLY A 19 7.93 -2.47 4.70
C GLY A 19 7.19 -1.22 5.14
N ALA A 20 7.01 -0.27 4.23
CA ALA A 20 6.40 1.02 4.53
C ALA A 20 5.09 1.16 3.76
N ARG A 21 4.22 2.03 4.26
CA ARG A 21 3.06 2.51 3.51
C ARG A 21 3.40 3.91 2.98
N VAL A 22 3.26 4.09 1.67
CA VAL A 22 3.58 5.34 0.98
C VAL A 22 2.31 6.01 0.48
N GLY A 23 2.25 7.33 0.64
CA GLY A 23 1.25 8.15 -0.02
C GLY A 23 1.89 9.20 -0.91
N VAL A 24 1.45 9.32 -2.16
CA VAL A 24 1.97 10.33 -3.07
C VAL A 24 0.82 11.02 -3.77
N ALA A 25 0.85 12.36 -3.80
CA ALA A 25 -0.07 13.11 -4.65
C ALA A 25 0.70 14.24 -5.31
N VAL A 26 0.42 14.44 -6.59
CA VAL A 26 0.97 15.56 -7.32
C VAL A 26 -0.18 16.27 -8.03
N LEU A 27 -0.07 17.58 -8.09
CA LEU A 27 -1.10 18.45 -8.64
C LEU A 27 -0.35 19.37 -9.58
N ASP A 28 -0.69 19.33 -10.88
CA ASP A 28 -0.11 20.19 -11.90
C ASP A 28 -1.05 21.36 -12.18
N THR A 29 -0.60 22.57 -11.88
CA THR A 29 -1.49 23.73 -11.90
C THR A 29 -1.54 24.53 -13.22
N GLY A 32 -2.20 22.75 -16.52
CA GLY A 32 -2.22 21.43 -15.92
C GLY A 32 -3.13 20.40 -16.56
N ARG A 33 -4.32 20.23 -15.98
CA ARG A 33 -5.33 19.27 -16.44
C ARG A 33 -4.79 17.82 -16.46
N SER A 34 -3.89 17.52 -15.50
CA SER A 34 -3.37 16.17 -15.32
C SER A 34 -3.73 15.68 -13.91
N TRP A 35 -3.66 14.35 -13.69
CA TRP A 35 -3.98 13.75 -12.40
C TRP A 35 -3.26 12.40 -12.25
N GLU A 36 -3.30 11.86 -11.02
CA GLU A 36 -2.68 10.57 -10.69
C GLU A 36 -2.95 10.05 -9.26
N GLY A 37 -1.89 9.90 -8.50
CA GLY A 37 -1.71 9.65 -7.08
C GLY A 37 -1.62 8.18 -6.75
N TYR A 38 -0.90 7.89 -5.64
CA TYR A 38 -0.79 6.56 -5.03
C TYR A 38 -1.22 6.60 -3.57
N ARG A 39 -2.20 5.75 -3.20
CA ARG A 39 -2.84 5.74 -1.86
C ARG A 39 -3.25 7.15 -1.47
N ALA A 40 -3.66 7.94 -2.48
CA ALA A 40 -3.79 9.36 -2.28
C ALA A 40 -4.98 9.72 -1.41
N ASP A 41 -5.86 8.78 -1.11
CA ASP A 41 -6.96 9.04 -0.18
C ASP A 41 -6.81 8.27 1.12
N GLU A 42 -5.66 7.66 1.36
CA GLU A 42 -5.39 7.10 2.66
C GLU A 42 -4.82 8.18 3.56
N ARG A 43 -5.05 8.03 4.86
CA ARG A 43 -4.53 8.97 5.84
C ARG A 43 -3.08 8.66 6.19
N PHE A 44 -2.28 9.72 6.33
CA PHE A 44 -0.90 9.70 6.80
C PHE A 44 -0.64 10.74 7.88
N PRO A 45 0.16 10.39 8.90
CA PRO A 45 0.60 11.38 9.89
C PRO A 45 1.29 12.57 9.25
N MET A 46 0.84 13.77 9.57
CA MET A 46 1.40 14.95 8.93
C MET A 46 2.84 15.21 9.35
N ALA A 47 3.18 14.86 10.60
CA ALA A 47 4.43 15.29 11.23
C ALA A 47 4.54 16.81 11.07
N SER A 48 5.74 17.33 10.82
CA SER A 48 5.92 18.77 10.79
C SER A 48 5.43 19.44 9.50
N THR A 49 4.77 18.70 8.59
CA THR A 49 4.19 19.37 7.41
C THR A 49 2.91 20.14 7.76
N PHE A 50 2.29 19.86 8.89
CA PHE A 50 1.13 20.64 9.28
C PHE A 50 1.46 22.10 9.45
N LYS A 51 2.73 22.42 9.72
CA LYS A 51 3.13 23.77 10.09
C LYS A 51 2.87 24.76 8.96
N VAL A 52 2.91 24.29 7.70
CA VAL A 52 2.50 25.12 6.56
C VAL A 52 1.05 25.53 6.74
N LEU A 53 0.20 24.59 7.16
CA LEU A 53 -1.22 24.82 7.35
C LEU A 53 -1.51 25.79 8.50
N ALA A 54 -0.84 25.60 9.66
CA ALA A 54 -1.06 26.53 10.78
C ALA A 54 -0.62 27.96 10.42
N CYS A 55 0.39 28.10 9.58
CA CYS A 55 0.81 29.44 9.20
C CYS A 55 -0.21 30.06 8.29
N GLY A 56 -0.69 29.31 7.29
CA GLY A 56 -1.78 29.78 6.44
C GLY A 56 -3.01 30.12 7.25
N ALA A 57 -3.29 29.33 8.29
CA ALA A 57 -4.41 29.63 9.16
C ALA A 57 -4.20 30.98 9.82
N LEU A 58 -3.00 31.22 10.35
CA LEU A 58 -2.74 32.47 11.05
C LEU A 58 -2.74 33.66 10.08
N LEU A 59 -2.17 33.47 8.88
CA LEU A 59 -2.21 34.51 7.87
C LEU A 59 -3.64 34.83 7.45
N SER A 60 -4.49 33.81 7.37
CA SER A 60 -5.90 34.08 7.05
C SER A 60 -6.54 34.96 8.12
N ARG A 61 -6.12 34.83 9.37
CA ARG A 61 -6.73 35.67 10.38
C ARG A 61 -6.19 37.09 10.28
N VAL A 62 -4.89 37.23 9.98
CA VAL A 62 -4.31 38.55 9.72
C VAL A 62 -5.07 39.23 8.58
N ASP A 63 -5.31 38.51 7.49
CA ASP A 63 -6.00 39.10 6.34
C ASP A 63 -7.38 39.62 6.71
N ALA A 64 -8.03 38.97 7.67
CA ALA A 64 -9.35 39.39 8.14
C ALA A 64 -9.26 40.48 9.22
N GLY A 65 -8.07 40.99 9.48
CA GLY A 65 -7.92 42.01 10.49
C GLY A 65 -8.02 41.50 11.90
N GLN A 66 -8.02 40.19 12.08
CA GLN A 66 -8.26 39.54 13.37
C GLN A 66 -6.97 39.20 14.09
N GLU A 67 -5.83 39.45 13.46
CA GLU A 67 -4.54 39.11 14.03
C GLU A 67 -3.51 40.09 13.50
N ASP A 68 -2.40 40.19 14.22
CA ASP A 68 -1.33 41.13 13.94
C ASP A 68 -0.02 40.38 13.81
N LEU A 69 0.61 40.45 12.63
CA LEU A 69 1.89 39.78 12.46
C LEU A 69 2.96 40.35 13.38
N ASP A 70 2.80 41.60 13.80
CA ASP A 70 3.75 42.26 14.67
C ASP A 70 3.38 42.12 16.14
N ARG A 71 2.28 41.47 16.44
CA ARG A 71 1.94 41.21 17.84
C ARG A 71 3.03 40.36 18.49
N ARG A 72 3.63 40.90 19.54
CA ARG A 72 4.70 40.21 20.26
C ARG A 72 4.15 39.21 21.26
N ILE A 73 4.61 37.97 21.15
CA ILE A 73 4.26 36.90 22.07
C ILE A 73 5.43 36.75 23.03
N ARG A 74 5.20 36.96 24.31
CA ARG A 74 6.24 36.73 25.30
C ARG A 74 5.91 35.40 25.98
N TYR A 75 6.90 34.53 26.11
CA TYR A 75 6.68 33.18 26.61
C TYR A 75 7.81 32.79 27.55
N THR A 76 7.68 31.63 28.20
CA THR A 76 8.59 31.17 29.26
C THR A 76 9.29 29.87 28.84
N GLN A 77 10.11 29.32 29.75
CA GLN A 77 10.93 28.14 29.42
C GLN A 77 10.24 26.81 29.72
N ASP A 78 9.33 26.73 30.69
CA ASP A 78 8.50 25.53 30.80
C ASP A 78 7.63 25.32 29.55
N GLU A 79 7.46 26.38 28.76
CA GLU A 79 6.70 26.34 27.52
C GLU A 79 7.54 25.79 26.37
N LEU A 80 8.86 25.95 26.45
CA LEU A 80 9.75 25.40 25.43
C LEU A 80 9.54 23.89 25.34
N VAL A 81 9.33 23.39 24.12
CA VAL A 81 9.30 21.95 23.83
C VAL A 81 10.56 21.60 23.07
N THR A 82 10.89 20.30 23.08
CA THR A 82 12.13 19.85 22.48
C THR A 82 12.18 20.33 21.03
N TYR A 83 13.38 20.68 20.59
CA TYR A 83 13.65 21.35 19.31
C TYR A 83 13.00 22.73 19.28
N SER A 84 13.72 23.69 19.81
CA SER A 84 13.31 25.09 19.83
C SER A 84 14.51 25.93 19.40
N PRO A 85 15.09 25.62 18.22
CA PRO A 85 16.37 26.23 17.85
C PRO A 85 16.32 27.73 17.87
N VAL A 86 15.18 28.34 17.55
CA VAL A 86 15.07 29.78 17.52
C VAL A 86 14.40 30.28 18.79
N THR A 87 13.26 29.71 19.15
CA THR A 87 12.48 30.26 20.25
C THR A 87 13.21 30.24 21.59
N GLU A 88 14.26 29.42 21.73
CA GLU A 88 15.02 29.44 22.97
C GLU A 88 15.83 30.74 23.12
N LYS A 89 16.39 31.23 22.01
CA LYS A 89 17.23 32.42 22.00
C LYS A 89 16.46 33.69 22.30
N HIS A 90 15.16 33.62 22.60
CA HIS A 90 14.36 34.83 22.74
C HIS A 90 13.43 34.71 23.94
N LEU A 91 13.85 33.95 24.96
CA LEU A 91 13.11 33.87 26.22
C LEU A 91 12.98 35.23 26.89
N ASP A 92 13.94 36.13 26.65
CA ASP A 92 13.97 37.45 27.26
C ASP A 92 13.05 38.44 26.56
N ASP A 93 13.20 38.60 25.24
CA ASP A 93 12.46 39.61 24.49
C ASP A 93 11.15 39.10 23.90
N GLY A 94 10.96 37.79 23.77
CA GLY A 94 9.82 37.27 23.03
C GLY A 94 10.04 37.33 21.51
N MET A 95 8.99 36.96 20.77
CA MET A 95 9.03 36.99 19.32
C MET A 95 7.71 37.51 18.78
N THR A 96 7.74 38.15 17.60
CA THR A 96 6.47 38.51 16.98
C THR A 96 5.91 37.29 16.26
N LEU A 97 4.60 37.33 16.00
CA LEU A 97 3.96 36.24 15.27
C LEU A 97 4.64 36.01 13.93
N ARG A 98 5.03 37.09 13.23
CA ARG A 98 5.76 36.95 11.96
C ARG A 98 7.07 36.18 12.15
N ALA A 99 7.79 36.50 13.23
CA ALA A 99 9.03 35.79 13.52
C ALA A 99 8.76 34.32 13.81
N LEU A 100 7.66 34.04 14.51
CA LEU A 100 7.34 32.65 14.85
C LEU A 100 7.02 31.86 13.58
N CYS A 101 6.18 32.42 12.72
CA CYS A 101 5.88 31.77 11.44
C CYS A 101 7.15 31.48 10.69
N GLU A 102 8.04 32.46 10.62
CA GLU A 102 9.33 32.24 9.99
C GLU A 102 10.04 31.09 10.66
N ALA A 103 10.01 31.03 11.99
CA ALA A 103 10.76 29.99 12.68
C ALA A 103 10.22 28.61 12.34
N THR A 104 8.89 28.41 12.33
CA THR A 104 8.38 27.06 12.11
C THR A 104 8.54 26.61 10.68
N ILE A 105 8.37 27.51 9.72
CA ILE A 105 8.50 27.04 8.34
C ILE A 105 9.96 26.79 8.02
N THR A 106 10.82 27.72 8.44
CA THR A 106 12.25 27.74 8.12
C THR A 106 13.06 26.72 8.91
N THR A 107 12.85 26.66 10.23
CA THR A 107 13.60 25.75 11.09
C THR A 107 12.80 24.56 11.62
N SER A 108 11.50 24.50 11.36
CA SER A 108 10.63 23.49 11.96
C SER A 108 10.68 23.54 13.48
N ASP A 109 10.85 24.74 14.05
CA ASP A 109 10.87 24.96 15.51
C ASP A 109 9.52 24.60 16.16
N ASN A 110 9.56 23.69 17.15
CA ASN A 110 8.32 23.14 17.69
C ASN A 110 7.59 24.11 18.63
N THR A 111 8.30 24.91 19.42
CA THR A 111 7.61 25.86 20.30
C THR A 111 6.91 26.95 19.50
N ALA A 112 7.59 27.48 18.48
CA ALA A 112 6.95 28.45 17.60
C ALA A 112 5.66 27.88 17.03
N ALA A 113 5.67 26.59 16.65
CA ALA A 113 4.43 25.99 16.16
C ALA A 113 3.34 26.08 17.22
N ASN A 114 3.64 25.59 18.44
CA ASN A 114 2.67 25.58 19.53
C ASN A 114 2.17 26.99 19.84
N LEU A 115 3.05 27.99 19.75
CA LEU A 115 2.64 29.38 20.00
C LEU A 115 1.68 29.87 18.92
N ILE A 116 1.86 29.40 17.68
CA ILE A 116 0.93 29.71 16.59
C ILE A 116 -0.39 28.94 16.76
N LEU A 117 -0.33 27.65 17.12
CA LEU A 117 -1.55 26.90 17.42
C LEU A 117 -2.36 27.56 18.55
N GLU A 118 -1.67 28.12 19.55
CA GLU A 118 -2.34 28.81 20.64
C GLU A 118 -2.97 30.10 20.14
N ALA A 119 -2.27 30.82 19.25
CA ALA A 119 -2.83 32.02 18.65
C ALA A 119 -4.14 31.72 17.93
N LEU A 120 -4.15 30.63 17.16
CA LEU A 120 -5.32 30.23 16.38
C LEU A 120 -6.44 29.73 17.26
N GLY A 121 -6.13 29.26 18.45
CA GLY A 121 -7.08 28.67 19.34
C GLY A 121 -6.95 27.18 19.53
N GLY A 122 -5.80 26.60 19.24
CA GLY A 122 -5.58 25.19 19.46
C GLY A 122 -5.68 24.39 18.19
N PRO A 123 -5.32 23.10 18.28
CA PRO A 123 -5.50 22.20 17.12
C PRO A 123 -6.93 22.12 16.60
N LYS A 124 -7.94 22.01 17.46
CA LYS A 124 -9.31 21.91 16.95
C LYS A 124 -9.65 23.08 16.04
N ALA A 125 -9.05 24.26 16.26
CA ALA A 125 -9.33 25.44 15.45
C ALA A 125 -8.66 25.41 14.08
N LEU A 126 -7.46 24.82 13.97
CA LEU A 126 -6.86 24.62 12.67
C LEU A 126 -7.72 23.70 11.80
N THR A 127 -8.35 22.70 12.40
CA THR A 127 -9.23 21.83 11.62
C THR A 127 -10.39 22.64 11.07
N ARG A 128 -10.89 23.59 11.86
CA ARG A 128 -12.02 24.40 11.42
C ARG A 128 -11.63 25.33 10.27
N PHE A 129 -10.42 25.91 10.33
CA PHE A 129 -9.92 26.67 9.18
C PHE A 129 -9.85 25.76 7.95
N LEU A 130 -9.25 24.58 8.10
CA LEU A 130 -9.09 23.67 6.96
C LEU A 130 -10.42 23.34 6.32
N ARG A 131 -11.45 23.05 7.11
CA ARG A 131 -12.78 22.84 6.52
C ARG A 131 -13.23 24.09 5.79
N ALA A 132 -13.06 25.26 6.43
CA ALA A 132 -13.45 26.54 5.83
C ALA A 132 -12.80 26.79 4.47
N ILE A 133 -11.59 26.25 4.25
CA ILE A 133 -10.92 26.39 2.94
C ILE A 133 -11.05 25.11 2.10
N GLY A 134 -12.01 24.22 2.44
CA GLY A 134 -12.38 23.10 1.58
C GLY A 134 -11.80 21.73 1.90
N ASP A 135 -11.05 21.55 3.00
CA ASP A 135 -10.39 20.28 3.29
C ASP A 135 -11.23 19.39 4.24
N PRO A 136 -11.89 18.34 3.73
CA PRO A 136 -12.80 17.56 4.58
C PRO A 136 -12.13 16.51 5.46
N VAL A 137 -10.82 16.26 5.28
CA VAL A 137 -10.15 15.13 5.91
C VAL A 137 -9.07 15.57 6.88
N THR A 138 -8.25 16.54 6.51
CA THR A 138 -7.07 16.84 7.32
C THR A 138 -7.47 17.35 8.69
N ARG A 139 -6.80 16.84 9.71
CA ARG A 139 -7.12 17.22 11.07
C ARG A 139 -5.85 17.35 11.89
N LEU A 140 -5.84 18.33 12.77
CA LEU A 140 -4.83 18.48 13.81
C LEU A 140 -5.54 18.32 15.14
N ASP A 141 -4.92 17.58 16.05
CA ASP A 141 -5.57 17.25 17.30
C ASP A 141 -4.70 17.48 18.51
N ARG A 142 -3.38 17.48 18.33
CA ARG A 142 -2.47 17.67 19.44
C ARG A 142 -1.50 18.78 19.13
N TRP A 143 -0.63 19.02 20.09
CA TRP A 143 0.39 20.02 19.99
C TRP A 143 1.72 19.33 19.72
N GLU A 144 2.76 20.09 19.43
CA GLU A 144 4.09 19.48 19.37
C GLU A 144 4.53 19.20 20.80
N THR A 145 5.16 18.04 21.01
CA THR A 145 5.53 17.07 19.99
C THR A 145 4.62 15.84 19.95
N ALA A 146 3.49 15.89 20.69
CA ALA A 146 2.65 14.71 20.81
C ALA A 146 2.16 14.24 19.45
N LEU A 147 1.93 15.19 18.51
CA LEU A 147 1.28 14.91 17.22
C LEU A 147 2.12 14.02 16.29
N ASN A 148 3.39 13.77 16.62
CA ASN A 148 4.23 12.94 15.78
C ASN A 148 4.20 11.48 16.19
N GLU A 149 3.38 11.14 17.19
CA GLU A 149 3.36 9.78 17.73
C GLU A 149 3.09 8.75 16.65
N ALA A 150 2.07 8.99 15.82
CA ALA A 150 1.80 8.25 14.60
C ALA A 150 1.59 6.75 14.80
N THR A 151 0.80 6.37 15.82
CA THR A 151 0.48 4.95 15.97
C THR A 151 -0.47 4.54 14.84
N PRO A 152 -0.17 3.45 14.10
CA PRO A 152 -0.98 3.11 12.92
C PRO A 152 -2.46 2.94 13.20
N GLY A 153 -3.29 3.50 12.31
CA GLY A 153 -4.72 3.45 12.48
C GLY A 153 -5.31 4.63 13.23
N ASP A 154 -4.47 5.45 13.88
CA ASP A 154 -4.93 6.65 14.56
C ASP A 154 -5.13 7.78 13.53
N VAL A 155 -6.33 8.36 13.50
CA VAL A 155 -6.61 9.44 12.55
C VAL A 155 -6.19 10.82 13.04
N ARG A 156 -5.75 10.97 14.29
CA ARG A 156 -5.33 12.30 14.74
C ARG A 156 -4.10 12.75 13.99
N ASP A 157 -4.01 14.05 13.75
CA ASP A 157 -2.81 14.66 13.18
C ASP A 157 -2.47 14.03 11.83
N THR A 158 -3.48 13.95 10.96
CA THR A 158 -3.37 13.27 9.68
C THR A 158 -3.85 14.16 8.54
N THR A 159 -3.45 13.78 7.33
CA THR A 159 -3.90 14.37 6.07
C THR A 159 -4.12 13.23 5.07
N THR A 160 -4.59 13.54 3.88
CA THR A 160 -4.39 12.55 2.84
C THR A 160 -3.56 13.21 1.75
N PRO A 161 -2.80 12.46 0.95
CA PRO A 161 -1.99 13.15 -0.09
C PRO A 161 -2.85 13.99 -1.04
N ARG A 162 -4.07 13.54 -1.33
CA ARG A 162 -4.96 14.32 -2.17
C ARG A 162 -5.42 15.59 -1.47
N ALA A 163 -5.82 15.47 -0.20
CA ALA A 163 -6.29 16.66 0.52
C ALA A 163 -5.15 17.63 0.75
N MET A 164 -3.96 17.12 1.06
CA MET A 164 -2.86 18.03 1.37
C MET A 164 -2.39 18.75 0.11
N ALA A 165 -2.30 18.05 -1.03
CA ALA A 165 -1.95 18.72 -2.27
C ALA A 165 -3.01 19.75 -2.66
N ALA A 166 -4.29 19.41 -2.48
CA ALA A 166 -5.38 20.35 -2.78
C ALA A 166 -5.30 21.58 -1.88
N THR A 167 -5.14 21.35 -0.57
CA THR A 167 -5.10 22.43 0.41
C THR A 167 -3.94 23.37 0.19
N LEU A 168 -2.75 22.83 -0.05
CA LEU A 168 -1.59 23.68 -0.33
C LEU A 168 -1.84 24.54 -1.55
N ARG A 169 -2.55 24.00 -2.53
CA ARG A 169 -2.89 24.82 -3.69
C ARG A 169 -3.83 25.97 -3.29
N THR A 170 -4.89 25.66 -2.53
CA THR A 170 -5.80 26.74 -2.15
C THR A 170 -5.08 27.82 -1.35
N LEU A 171 -4.08 27.43 -0.54
CA LEU A 171 -3.36 28.39 0.27
C LEU A 171 -2.35 29.13 -0.57
N LEU A 172 -1.53 28.41 -1.31
CA LEU A 172 -0.42 29.06 -1.97
C LEU A 172 -0.80 29.69 -3.30
N LEU A 173 -1.73 29.11 -4.04
CA LEU A 173 -2.10 29.65 -5.33
C LEU A 173 -3.58 29.96 -5.44
N GLY A 174 -4.41 29.36 -4.60
CA GLY A 174 -5.84 29.59 -4.59
C GLY A 174 -6.23 30.95 -4.04
N ASP A 175 -7.48 31.09 -3.63
CA ASP A 175 -7.98 32.37 -3.16
C ASP A 175 -8.30 32.38 -1.66
N ALA A 176 -7.88 31.34 -0.92
CA ALA A 176 -8.12 31.27 0.52
C ALA A 176 -7.35 32.33 1.30
N LEU A 177 -6.21 32.76 0.75
CA LEU A 177 -5.32 33.73 1.37
C LEU A 177 -5.13 34.94 0.45
N THR A 178 -4.78 36.04 1.07
CA THR A 178 -4.47 37.26 0.36
C THR A 178 -3.18 37.10 -0.47
N PRO A 179 -3.03 37.85 -1.56
CA PRO A 179 -1.72 37.86 -2.27
C PRO A 179 -0.52 38.12 -1.35
N ALA A 180 -0.64 39.02 -0.37
CA ALA A 180 0.47 39.24 0.57
C ALA A 180 0.75 37.99 1.39
N SER A 181 -0.29 37.27 1.80
CA SER A 181 -0.11 36.09 2.64
C SER A 181 0.48 34.95 1.84
N ARG A 182 0.04 34.77 0.60
CA ARG A 182 0.61 33.70 -0.22
C ARG A 182 2.08 33.93 -0.42
N GLN A 183 2.46 35.14 -0.79
CA GLN A 183 3.87 35.36 -1.07
C GLN A 183 4.70 35.28 0.21
N GLN A 184 4.08 35.52 1.37
CA GLN A 184 4.80 35.32 2.61
C GLN A 184 5.04 33.85 2.87
N LEU A 185 4.00 33.02 2.74
CA LEU A 185 4.13 31.58 2.94
C LEU A 185 5.08 30.97 1.93
N ILE A 186 4.93 31.34 0.66
CA ILE A 186 5.81 30.80 -0.37
C ILE A 186 7.26 31.15 -0.06
N ALA A 187 7.51 32.42 0.29
CA ALA A 187 8.85 32.87 0.69
C ALA A 187 9.39 32.07 1.86
N TRP A 188 8.54 31.79 2.85
CA TRP A 188 9.00 30.97 3.97
C TRP A 188 9.36 29.57 3.51
N LEU A 189 8.52 29.00 2.65
CA LEU A 189 8.76 27.65 2.18
C LEU A 189 10.00 27.58 1.30
N GLU A 190 10.24 28.60 0.48
CA GLU A 190 11.46 28.61 -0.32
C GLU A 190 12.69 28.71 0.58
N ALA A 191 12.54 29.28 1.76
CA ALA A 191 13.60 29.40 2.72
C ALA A 191 13.70 28.23 3.69
N ASN A 192 12.95 27.13 3.47
CA ASN A 192 13.05 25.97 4.35
C ASN A 192 14.50 25.44 4.38
N GLN A 193 14.87 24.85 5.55
CA GLN A 193 16.24 24.43 5.85
C GLN A 193 16.41 23.02 6.42
N VAL A 194 15.34 22.28 6.68
CA VAL A 194 15.42 21.00 7.39
C VAL A 194 15.07 19.80 6.53
N GLY A 195 14.72 20.01 5.26
CA GLY A 195 14.34 18.93 4.39
C GLY A 195 15.32 18.60 3.31
N GLY A 196 16.52 19.17 3.33
CA GLY A 196 17.45 19.23 2.22
C GLY A 196 17.43 18.11 1.18
N PRO A 197 17.77 16.87 1.58
CA PRO A 197 17.92 15.79 0.58
C PRO A 197 16.62 15.21 0.03
N LEU A 198 15.48 15.41 0.72
CA LEU A 198 14.24 14.71 0.33
C LEU A 198 13.75 15.15 -1.04
N LEU A 199 13.88 16.42 -1.38
CA LEU A 199 13.39 16.80 -2.69
C LEU A 199 14.38 17.73 -3.36
N ARG A 200 14.81 18.76 -2.62
CA ARG A 200 15.66 19.81 -3.18
C ARG A 200 16.92 19.23 -3.80
N ALA A 201 17.52 18.23 -3.15
CA ALA A 201 18.85 17.75 -3.54
C ALA A 201 18.85 17.20 -4.96
N GLY A 202 17.85 16.38 -5.29
CA GLY A 202 17.68 15.84 -6.61
C GLY A 202 16.97 16.74 -7.57
N LEU A 203 16.57 17.92 -7.08
CA LEU A 203 15.87 18.93 -7.87
C LEU A 203 16.84 19.69 -8.75
N PRO A 204 16.66 19.70 -10.08
CA PRO A 204 17.62 20.37 -10.97
C PRO A 204 17.81 21.84 -10.62
N ALA A 205 18.97 22.38 -11.01
CA ALA A 205 19.19 23.81 -10.78
C ALA A 205 18.33 24.62 -11.75
N GLY A 206 17.94 25.82 -11.30
CA GLY A 206 17.04 26.68 -12.05
C GLY A 206 15.59 26.53 -11.64
N TRP A 207 15.22 25.39 -11.06
CA TRP A 207 13.90 25.21 -10.49
C TRP A 207 13.85 25.80 -9.10
N ARG A 208 12.70 26.38 -8.76
CA ARG A 208 12.42 26.89 -7.44
C ARG A 208 11.62 25.83 -6.69
N ILE A 209 12.00 25.53 -5.47
CA ILE A 209 11.20 24.67 -4.62
C ILE A 209 10.97 25.37 -3.28
N GLY A 210 9.70 25.41 -2.85
CA GLY A 210 9.37 25.69 -1.47
C GLY A 210 8.85 24.39 -0.89
N ASP A 211 9.33 24.02 0.29
CA ASP A 211 8.92 22.73 0.83
C ASP A 211 8.83 22.81 2.34
N LYS A 212 8.33 21.73 2.93
CA LYS A 212 8.30 21.54 4.37
C LYS A 212 8.30 20.04 4.58
N THR A 213 9.11 19.58 5.50
CA THR A 213 9.28 18.15 5.71
C THR A 213 8.91 17.82 7.14
N GLY A 214 8.56 16.57 7.36
CA GLY A 214 8.20 16.10 8.68
C GLY A 214 8.93 14.81 9.03
N ALA A 215 9.27 14.68 10.30
CA ALA A 215 9.73 13.41 10.82
C ALA A 215 8.87 13.09 12.04
N GLY A 216 8.58 11.81 12.21
CA GLY A 216 7.65 11.37 13.23
C GLY A 216 7.84 9.91 13.58
N GLY A 217 7.22 9.50 14.69
CA GLY A 217 7.40 8.16 15.19
C GLY A 217 6.96 7.10 14.21
N ARG A 218 7.09 5.82 14.61
CA ARG A 218 6.78 4.67 13.77
C ARG A 218 7.37 4.79 12.36
N GLY A 219 8.37 5.66 12.17
CA GLY A 219 9.02 5.77 10.89
C GLY A 219 8.41 6.77 9.94
N THR A 220 7.72 7.79 10.44
CA THR A 220 6.99 8.71 9.57
C THR A 220 7.95 9.76 9.01
N ARG A 221 7.88 9.93 7.71
CA ARG A 221 8.65 10.93 6.99
C ARG A 221 7.69 11.52 5.95
N GLY A 222 7.65 12.85 5.88
CA GLY A 222 6.75 13.51 4.96
C GLY A 222 7.37 14.75 4.37
N ILE A 223 6.80 15.17 3.25
CA ILE A 223 7.24 16.39 2.59
C ILE A 223 6.09 16.92 1.75
N VAL A 224 5.88 18.23 1.82
CA VAL A 224 5.00 18.89 0.88
C VAL A 224 5.84 19.94 0.17
N ALA A 225 5.51 20.19 -1.08
CA ALA A 225 6.33 21.10 -1.86
C ALA A 225 5.51 21.72 -2.97
N ILE A 226 5.81 22.98 -3.23
CA ILE A 226 5.43 23.66 -4.46
C ILE A 226 6.74 23.80 -5.24
N VAL A 227 6.77 23.34 -6.49
CA VAL A 227 7.94 23.44 -7.34
C VAL A 227 7.56 24.13 -8.65
N TRP A 228 8.38 25.10 -9.06
CA TRP A 228 8.24 25.79 -10.34
C TRP A 228 9.33 25.27 -11.27
N PRO A 229 9.03 24.32 -12.15
CA PRO A 229 9.99 23.99 -13.23
C PRO A 229 10.25 25.21 -14.08
N PRO A 230 11.32 25.22 -14.87
CA PRO A 230 11.60 26.40 -15.71
C PRO A 230 10.50 26.56 -16.76
N GLY A 231 9.84 27.72 -16.72
CA GLY A 231 8.78 28.06 -17.65
C GLY A 231 7.60 27.11 -17.63
N ARG A 232 7.10 26.82 -16.43
CA ARG A 232 5.95 25.93 -16.26
C ARG A 232 5.14 26.40 -15.07
N ALA A 233 3.86 26.06 -15.09
CA ALA A 233 3.00 26.26 -13.93
C ALA A 233 3.53 25.46 -12.74
N PRO A 234 3.40 25.98 -11.51
CA PRO A 234 3.90 25.23 -10.35
C PRO A 234 3.21 23.88 -10.21
N LEU A 235 3.90 22.96 -9.56
CA LEU A 235 3.41 21.62 -9.28
C LEU A 235 3.41 21.49 -7.78
N ILE A 236 2.34 20.93 -7.22
CA ILE A 236 2.25 20.75 -5.78
C ILE A 236 2.44 19.27 -5.51
N ALA A 237 3.40 18.92 -4.65
CA ALA A 237 3.61 17.51 -4.35
C ALA A 237 3.52 17.26 -2.86
N ALA A 238 2.88 16.16 -2.51
CA ALA A 238 2.79 15.69 -1.13
C ALA A 238 3.20 14.23 -1.12
N VAL A 239 4.27 13.93 -0.39
CA VAL A 239 4.83 12.58 -0.31
C VAL A 239 4.99 12.22 1.17
N TYR A 240 4.34 11.12 1.57
CA TYR A 240 4.32 10.61 2.94
C TYR A 240 4.77 9.15 2.99
N LEU A 241 5.53 8.82 4.04
CA LEU A 241 5.99 7.46 4.27
C LEU A 241 5.86 7.14 5.75
N THR A 242 5.27 5.99 6.07
CA THR A 242 5.09 5.64 7.48
C THR A 242 4.97 4.13 7.64
N GLU A 243 4.96 3.71 8.92
CA GLU A 243 4.83 2.30 9.31
C GLU A 243 6.01 1.46 8.83
N SER A 244 7.19 2.06 8.79
CA SER A 244 8.40 1.38 8.38
C SER A 244 9.39 1.28 9.52
N GLU A 245 10.21 0.24 9.48
CA GLU A 245 11.29 0.13 10.44
C GLU A 245 12.64 0.45 9.83
N ALA A 246 12.66 1.11 8.68
CA ALA A 246 13.94 1.44 8.09
C ALA A 246 14.54 2.60 8.84
N SER A 247 15.84 2.78 8.65
CA SER A 247 16.47 3.89 9.34
C SER A 247 16.06 5.19 8.67
N MET A 248 16.36 6.30 9.34
CA MET A 248 16.13 7.60 8.72
C MET A 248 16.89 7.71 7.41
N ASP A 249 17.91 6.86 7.22
CA ASP A 249 18.69 6.88 5.99
C ASP A 249 17.96 6.22 4.82
N GLU A 250 17.53 4.94 4.96
CA GLU A 250 16.79 4.34 3.84
C GLU A 250 15.47 5.05 3.61
N ARG A 251 14.89 5.62 4.68
CA ARG A 251 13.64 6.37 4.53
C ARG A 251 13.87 7.68 3.82
N ASN A 252 14.97 8.38 4.11
CA ASN A 252 15.24 9.60 3.35
C ASN A 252 15.51 9.29 1.89
N ALA A 253 16.21 8.18 1.63
CA ALA A 253 16.61 7.86 0.27
C ALA A 253 15.44 7.38 -0.59
N ALA A 254 14.37 6.91 0.04
CA ALA A 254 13.20 6.48 -0.73
C ALA A 254 12.31 7.67 -1.07
N ILE A 255 12.13 8.60 -0.13
CA ILE A 255 11.37 9.81 -0.45
C ILE A 255 12.10 10.62 -1.52
N ALA A 256 13.42 10.60 -1.49
CA ALA A 256 14.17 11.31 -2.52
C ALA A 256 14.03 10.60 -3.84
N GLU A 257 13.99 9.26 -3.79
CA GLU A 257 13.83 8.43 -4.98
C GLU A 257 12.43 8.54 -5.57
N ILE A 258 11.42 8.78 -4.73
CA ILE A 258 10.06 9.04 -5.23
C ILE A 258 9.98 10.45 -5.83
N GLY A 259 10.57 11.44 -5.16
CA GLY A 259 10.58 12.79 -5.67
C GLY A 259 11.37 12.94 -6.95
N ALA A 260 12.44 12.17 -7.10
CA ALA A 260 13.18 12.15 -8.35
C ALA A 260 12.31 11.62 -9.50
N ALA A 261 11.64 10.49 -9.29
CA ALA A 261 10.76 9.91 -10.30
C ALA A 261 9.68 10.89 -10.74
N LEU A 262 9.32 11.85 -9.89
CA LEU A 262 8.25 12.76 -10.23
C LEU A 262 8.69 13.78 -11.26
N VAL A 263 9.97 14.14 -11.27
CA VAL A 263 10.50 15.07 -12.25
C VAL A 263 10.52 14.46 -13.65
N LYS A 264 10.22 13.17 -13.76
CA LYS A 264 10.05 12.50 -15.03
C LYS A 264 8.57 12.20 -15.37
N PRO B 5 -9.26 -0.64 5.39
CA PRO B 5 -9.91 0.19 6.42
C PRO B 5 -9.85 -0.48 7.81
N GLU B 6 -11.00 -0.84 8.39
CA GLU B 6 -11.03 -1.63 9.62
C GLU B 6 -10.33 -2.97 9.45
N THR B 7 -10.17 -3.42 8.22
CA THR B 7 -9.40 -4.61 7.93
C THR B 7 -7.95 -4.51 8.41
N LEU B 8 -7.39 -3.29 8.47
CA LEU B 8 -5.97 -3.16 8.82
C LEU B 8 -5.69 -3.40 10.30
N VAL B 9 -6.63 -3.13 11.20
CA VAL B 9 -6.36 -3.47 12.60
C VAL B 9 -6.30 -4.99 12.75
N THR B 10 -7.19 -5.71 12.06
CA THR B 10 -7.18 -7.16 12.20
C THR B 10 -5.90 -7.75 11.62
N VAL B 11 -5.44 -7.22 10.49
CA VAL B 11 -4.22 -7.70 9.86
C VAL B 11 -3.01 -7.39 10.72
N ARG B 12 -2.90 -6.16 11.20
CA ARG B 12 -1.78 -5.76 12.03
C ARG B 12 -1.78 -6.50 13.35
N ARG B 13 -2.95 -6.73 13.93
CA ARG B 13 -2.97 -7.46 15.19
C ARG B 13 -2.51 -8.90 15.00
N ILE B 14 -2.89 -9.51 13.87
CA ILE B 14 -2.49 -10.88 13.59
C ILE B 14 -0.98 -10.95 13.37
N GLU B 15 -0.43 -10.01 12.60
CA GLU B 15 1.02 -10.00 12.41
C GLU B 15 1.76 -9.81 13.71
N ALA B 16 1.24 -8.97 14.60
CA ALA B 16 2.00 -8.65 15.80
C ALA B 16 2.01 -9.81 16.77
N GLN B 17 0.91 -10.52 16.88
CA GLN B 17 0.83 -11.65 17.78
C GLN B 17 1.51 -12.90 17.22
N LEU B 18 1.48 -13.10 15.90
CA LEU B 18 2.05 -14.32 15.33
C LEU B 18 3.51 -14.17 14.89
N GLY B 19 4.07 -12.97 14.91
CA GLY B 19 5.38 -12.70 14.31
C GLY B 19 5.42 -13.05 12.83
N ALA B 20 4.32 -12.81 12.12
CA ALA B 20 4.11 -13.28 10.76
C ALA B 20 4.10 -12.11 9.79
N ARG B 21 4.31 -12.43 8.52
CA ARG B 21 4.01 -11.51 7.44
C ARG B 21 2.66 -11.88 6.87
N VAL B 22 1.78 -10.88 6.76
CA VAL B 22 0.48 -11.05 6.11
C VAL B 22 0.48 -10.22 4.83
N GLY B 23 0.02 -10.82 3.74
CA GLY B 23 -0.23 -10.11 2.50
C GLY B 23 -1.69 -10.16 2.10
N VAL B 24 -2.28 -9.02 1.76
CA VAL B 24 -3.69 -8.96 1.40
C VAL B 24 -3.84 -8.14 0.13
N ALA B 25 -4.64 -8.65 -0.80
CA ALA B 25 -5.01 -7.89 -1.99
C ALA B 25 -6.48 -8.09 -2.32
N VAL B 26 -7.15 -6.98 -2.67
CA VAL B 26 -8.52 -7.00 -3.18
C VAL B 26 -8.56 -6.17 -4.47
N LEU B 27 -9.36 -6.63 -5.43
CA LEU B 27 -9.46 -6.01 -6.75
C LEU B 27 -10.93 -5.92 -7.15
N ASP B 28 -11.43 -4.69 -7.34
CA ASP B 28 -12.83 -4.55 -7.77
C ASP B 28 -12.96 -4.28 -9.27
N GLY B 32 -14.21 -0.16 -9.45
CA GLY B 32 -14.75 0.52 -8.29
C GLY B 32 -13.77 1.22 -7.33
N ARG B 33 -13.44 0.58 -6.22
CA ARG B 33 -12.51 1.19 -5.25
C ARG B 33 -11.08 0.76 -5.57
N SER B 34 -10.74 -0.46 -5.15
CA SER B 34 -9.45 -1.11 -5.32
C SER B 34 -8.41 -0.30 -4.55
N TRP B 35 -7.83 -0.92 -3.53
CA TRP B 35 -6.83 -0.21 -2.77
C TRP B 35 -5.51 -0.93 -2.89
N GLU B 36 -4.45 -0.23 -2.53
CA GLU B 36 -3.19 -0.87 -2.80
C GLU B 36 -2.86 -2.02 -1.83
N GLY B 37 -3.66 -2.52 -0.89
CA GLY B 37 -3.29 -3.74 -0.25
C GLY B 37 -2.37 -3.55 0.94
N TYR B 38 -2.29 -4.60 1.75
CA TYR B 38 -1.34 -4.68 2.84
C TYR B 38 -0.27 -5.69 2.45
N ARG B 39 0.98 -5.21 2.38
CA ARG B 39 2.12 -5.97 1.86
C ARG B 39 1.83 -6.60 0.49
N ALA B 40 1.06 -5.88 -0.34
CA ALA B 40 0.59 -6.49 -1.59
C ALA B 40 1.65 -6.59 -2.68
N ASP B 41 2.84 -6.00 -2.49
CA ASP B 41 3.96 -6.19 -3.42
C ASP B 41 5.11 -6.98 -2.78
N GLU B 42 4.88 -7.55 -1.61
CA GLU B 42 5.84 -8.47 -1.02
C GLU B 42 5.54 -9.88 -1.54
N ARG B 43 6.60 -10.70 -1.59
CA ARG B 43 6.47 -12.06 -2.06
C ARG B 43 6.01 -12.96 -0.94
N PHE B 44 5.09 -13.86 -1.27
CA PHE B 44 4.63 -14.92 -0.38
C PHE B 44 4.66 -16.24 -1.15
N PRO B 45 5.11 -17.33 -0.52
CA PRO B 45 5.01 -18.65 -1.15
C PRO B 45 3.57 -18.96 -1.53
N MET B 46 3.39 -19.39 -2.79
CA MET B 46 2.05 -19.67 -3.31
C MET B 46 1.44 -20.88 -2.63
N ALA B 47 2.27 -21.86 -2.25
CA ALA B 47 1.78 -23.17 -1.84
C ALA B 47 0.87 -23.72 -2.93
N SER B 48 -0.20 -24.37 -2.53
CA SER B 48 -1.07 -25.01 -3.50
C SER B 48 -1.95 -24.01 -4.25
N THR B 49 -1.80 -22.70 -4.01
CA THR B 49 -2.60 -21.73 -4.75
C THR B 49 -2.11 -21.60 -6.18
N PHE B 50 -0.88 -22.05 -6.47
CA PHE B 50 -0.43 -22.06 -7.84
C PHE B 50 -1.28 -22.95 -8.73
N LYS B 51 -2.00 -23.90 -8.13
CA LYS B 51 -2.67 -24.93 -8.90
C LYS B 51 -3.78 -24.37 -9.78
N VAL B 52 -4.43 -23.27 -9.37
CA VAL B 52 -5.38 -22.60 -10.27
C VAL B 52 -4.64 -22.03 -11.48
N LEU B 53 -3.48 -21.41 -11.25
CA LEU B 53 -2.70 -20.85 -12.34
C LEU B 53 -2.24 -21.93 -13.32
N ALA B 54 -1.76 -23.06 -12.81
CA ALA B 54 -1.33 -24.16 -13.69
C ALA B 54 -2.48 -24.74 -14.51
N CYS B 55 -3.69 -24.74 -13.96
CA CYS B 55 -4.84 -25.24 -14.71
C CYS B 55 -5.22 -24.26 -15.83
N GLY B 56 -5.34 -22.97 -15.48
CA GLY B 56 -5.58 -21.95 -16.48
C GLY B 56 -4.53 -21.89 -17.58
N ALA B 57 -3.27 -22.20 -17.24
CA ALA B 57 -2.20 -22.17 -18.23
C ALA B 57 -2.44 -23.16 -19.37
N LEU B 58 -2.74 -24.43 -19.05
CA LEU B 58 -2.94 -25.40 -20.14
C LEU B 58 -4.23 -25.12 -20.89
N LEU B 59 -5.23 -24.53 -20.22
CA LEU B 59 -6.44 -24.11 -20.93
C LEU B 59 -6.10 -23.12 -22.04
N SER B 60 -5.09 -22.27 -21.84
CA SER B 60 -4.60 -21.41 -22.91
C SER B 60 -3.98 -22.22 -24.04
N ARG B 61 -3.35 -23.36 -23.72
CA ARG B 61 -2.76 -24.21 -24.76
C ARG B 61 -3.84 -24.97 -25.53
N VAL B 62 -4.86 -25.46 -24.83
CA VAL B 62 -6.00 -26.06 -25.52
C VAL B 62 -6.63 -25.07 -26.49
N ASP B 63 -6.92 -23.85 -26.02
CA ASP B 63 -7.51 -22.84 -26.89
C ASP B 63 -6.64 -22.56 -28.10
N ALA B 64 -5.32 -22.69 -27.96
CA ALA B 64 -4.38 -22.57 -29.06
C ALA B 64 -4.26 -23.85 -29.87
N GLY B 65 -5.13 -24.82 -29.60
CA GLY B 65 -5.17 -26.09 -30.31
C GLY B 65 -4.05 -27.05 -29.98
N GLN B 66 -3.24 -26.76 -28.97
CA GLN B 66 -2.05 -27.53 -28.68
C GLN B 66 -2.23 -28.55 -27.55
N GLU B 67 -3.41 -28.65 -26.96
CA GLU B 67 -3.64 -29.63 -25.92
C GLU B 67 -5.11 -30.04 -25.94
N ASP B 68 -5.39 -31.20 -25.34
CA ASP B 68 -6.72 -31.80 -25.31
C ASP B 68 -7.08 -32.07 -23.86
N LEU B 69 -8.20 -31.50 -23.39
CA LEU B 69 -8.68 -31.80 -22.05
C LEU B 69 -9.03 -33.26 -21.91
N ASP B 70 -9.36 -33.94 -23.01
CA ASP B 70 -9.73 -35.35 -23.01
C ASP B 70 -8.52 -36.25 -23.23
N ARG B 71 -7.35 -35.68 -23.47
CA ARG B 71 -6.15 -36.47 -23.62
C ARG B 71 -5.88 -37.26 -22.34
N ARG B 72 -5.70 -38.57 -22.48
CA ARG B 72 -5.51 -39.43 -21.33
C ARG B 72 -4.06 -39.40 -20.89
N ILE B 73 -3.84 -39.11 -19.61
CA ILE B 73 -2.51 -39.11 -19.02
C ILE B 73 -2.33 -40.39 -18.21
N ARG B 74 -1.35 -41.20 -18.58
CA ARG B 74 -0.97 -42.37 -17.81
C ARG B 74 0.33 -42.10 -17.06
N TYR B 75 0.36 -42.58 -15.81
CA TYR B 75 1.46 -42.37 -14.88
C TYR B 75 1.69 -43.65 -14.11
N THR B 76 2.74 -43.65 -13.27
CA THR B 76 3.23 -44.82 -12.55
C THR B 76 3.13 -44.60 -11.04
N GLN B 77 3.61 -45.57 -10.26
CA GLN B 77 3.54 -45.50 -8.81
C GLN B 77 4.77 -44.85 -8.19
N ASP B 78 5.93 -44.98 -8.84
CA ASP B 78 7.09 -44.19 -8.44
C ASP B 78 6.85 -42.70 -8.59
N GLU B 79 5.90 -42.29 -9.41
CA GLU B 79 5.64 -40.87 -9.62
C GLU B 79 4.71 -40.26 -8.57
N LEU B 80 3.87 -41.06 -7.92
CA LEU B 80 2.96 -40.52 -6.92
C LEU B 80 3.74 -39.81 -5.82
N VAL B 81 3.39 -38.55 -5.57
CA VAL B 81 3.93 -37.80 -4.44
C VAL B 81 2.85 -37.75 -3.37
N THR B 82 3.28 -37.56 -2.13
CA THR B 82 2.39 -37.68 -1.00
C THR B 82 1.18 -36.75 -1.17
N TYR B 83 0.05 -37.21 -0.63
CA TYR B 83 -1.27 -36.61 -0.86
C TYR B 83 -1.71 -36.72 -2.31
N SER B 84 -2.33 -37.86 -2.65
CA SER B 84 -2.83 -38.11 -4.00
C SER B 84 -4.22 -38.73 -3.93
N PRO B 85 -5.18 -38.04 -3.31
CA PRO B 85 -6.48 -38.69 -3.02
C PRO B 85 -7.17 -39.23 -4.26
N VAL B 86 -7.00 -38.57 -5.39
CA VAL B 86 -7.62 -38.98 -6.64
C VAL B 86 -6.66 -39.79 -7.49
N THR B 87 -5.44 -39.28 -7.70
CA THR B 87 -4.52 -39.88 -8.65
C THR B 87 -4.14 -41.32 -8.30
N GLU B 88 -4.27 -41.72 -7.04
CA GLU B 88 -4.01 -43.13 -6.70
C GLU B 88 -5.14 -44.05 -7.17
N LYS B 89 -6.38 -43.57 -7.16
CA LYS B 89 -7.55 -44.35 -7.57
C LYS B 89 -7.54 -44.72 -9.05
N HIS B 90 -6.51 -44.29 -9.80
CA HIS B 90 -6.40 -44.49 -11.23
C HIS B 90 -4.97 -44.80 -11.67
N LEU B 91 -4.20 -45.48 -10.81
CA LEU B 91 -2.87 -45.94 -11.22
C LEU B 91 -2.95 -46.79 -12.50
N ASP B 92 -4.02 -47.58 -12.61
CA ASP B 92 -4.17 -48.55 -13.70
C ASP B 92 -4.73 -47.93 -14.97
N ASP B 93 -5.88 -47.26 -14.87
CA ASP B 93 -6.55 -46.75 -16.06
C ASP B 93 -6.09 -45.35 -16.46
N GLY B 94 -5.41 -44.62 -15.57
CA GLY B 94 -5.02 -43.24 -15.84
C GLY B 94 -6.15 -42.24 -15.65
N MET B 95 -5.86 -41.00 -16.03
CA MET B 95 -6.86 -39.94 -16.01
C MET B 95 -6.68 -39.01 -17.20
N THR B 96 -7.77 -38.41 -17.63
CA THR B 96 -7.77 -37.39 -18.66
C THR B 96 -7.38 -36.03 -18.07
N LEU B 97 -6.87 -35.14 -18.95
CA LEU B 97 -6.47 -33.81 -18.51
C LEU B 97 -7.62 -33.07 -17.82
N ARG B 98 -8.84 -33.17 -18.38
CA ARG B 98 -10.01 -32.58 -17.73
C ARG B 98 -10.25 -33.19 -16.34
N ALA B 99 -10.12 -34.50 -16.21
CA ALA B 99 -10.25 -35.13 -14.90
C ALA B 99 -9.12 -34.70 -13.97
N LEU B 100 -7.90 -34.58 -14.51
CA LEU B 100 -6.73 -34.20 -13.71
C LEU B 100 -6.85 -32.76 -13.20
N CYS B 101 -7.18 -31.82 -14.09
CA CYS B 101 -7.42 -30.44 -13.69
C CYS B 101 -8.49 -30.36 -12.61
N GLU B 102 -9.59 -31.07 -12.82
CA GLU B 102 -10.66 -31.12 -11.83
C GLU B 102 -10.14 -31.62 -10.50
N ALA B 103 -9.34 -32.69 -10.52
CA ALA B 103 -8.84 -33.26 -9.28
C ALA B 103 -7.93 -32.27 -8.54
N THR B 104 -7.04 -31.57 -9.28
CA THR B 104 -6.04 -30.74 -8.62
C THR B 104 -6.63 -29.45 -8.03
N ILE B 105 -7.61 -28.85 -8.68
CA ILE B 105 -8.20 -27.64 -8.11
C ILE B 105 -9.11 -28.01 -6.96
N THR B 106 -9.89 -29.07 -7.15
CA THR B 106 -10.91 -29.50 -6.20
C THR B 106 -10.30 -30.20 -4.99
N THR B 107 -9.34 -31.11 -5.21
CA THR B 107 -8.75 -31.86 -4.11
C THR B 107 -7.35 -31.38 -3.74
N SER B 108 -6.76 -30.45 -4.48
CA SER B 108 -5.37 -30.02 -4.30
C SER B 108 -4.44 -31.22 -4.37
N ASP B 109 -4.79 -32.19 -5.22
CA ASP B 109 -3.98 -33.38 -5.43
C ASP B 109 -2.66 -32.99 -6.07
N ASN B 110 -1.55 -33.42 -5.46
CA ASN B 110 -0.23 -32.94 -5.89
C ASN B 110 0.27 -33.62 -7.15
N THR B 111 0.00 -34.93 -7.30
CA THR B 111 0.40 -35.64 -8.51
C THR B 111 -0.40 -35.16 -9.71
N ALA B 112 -1.73 -35.01 -9.54
CA ALA B 112 -2.53 -34.42 -10.60
C ALA B 112 -1.98 -33.06 -10.99
N ALA B 113 -1.58 -32.25 -9.99
CA ALA B 113 -0.91 -30.99 -10.27
C ALA B 113 0.41 -31.21 -11.01
N ASN B 114 1.28 -32.08 -10.48
CA ASN B 114 2.58 -32.32 -11.11
C ASN B 114 2.41 -32.77 -12.56
N LEU B 115 1.40 -33.60 -12.84
CA LEU B 115 1.17 -34.07 -14.20
C LEU B 115 0.78 -32.94 -15.13
N ILE B 116 0.01 -31.97 -14.63
CA ILE B 116 -0.34 -30.79 -15.43
C ILE B 116 0.89 -29.92 -15.63
N LEU B 117 1.73 -29.77 -14.60
CA LEU B 117 3.01 -29.09 -14.77
C LEU B 117 3.88 -29.79 -15.79
N GLU B 118 3.90 -31.13 -15.75
CA GLU B 118 4.74 -31.90 -16.66
C GLU B 118 4.28 -31.71 -18.11
N ALA B 119 2.96 -31.72 -18.33
CA ALA B 119 2.42 -31.46 -19.65
C ALA B 119 2.86 -30.09 -20.16
N LEU B 120 2.88 -29.10 -19.27
CA LEU B 120 3.24 -27.75 -19.69
C LEU B 120 4.72 -27.63 -20.01
N GLY B 121 5.56 -28.50 -19.47
CA GLY B 121 6.98 -28.37 -19.65
C GLY B 121 7.75 -27.91 -18.43
N GLY B 122 7.23 -28.13 -17.23
CA GLY B 122 7.92 -27.79 -16.00
C GLY B 122 7.42 -26.51 -15.38
N PRO B 123 7.83 -26.25 -14.12
CA PRO B 123 7.47 -24.97 -13.48
C PRO B 123 7.92 -23.74 -14.25
N LYS B 124 9.16 -23.71 -14.74
CA LYS B 124 9.62 -22.57 -15.53
C LYS B 124 8.71 -22.32 -16.73
N ALA B 125 8.03 -23.37 -17.22
CA ALA B 125 7.09 -23.19 -18.32
C ALA B 125 5.78 -22.61 -17.82
N LEU B 126 5.37 -22.94 -16.61
CA LEU B 126 4.22 -22.26 -16.01
C LEU B 126 4.56 -20.79 -15.79
N THR B 127 5.80 -20.50 -15.38
CA THR B 127 6.23 -19.12 -15.18
C THR B 127 6.20 -18.34 -16.50
N ARG B 128 6.58 -18.98 -17.60
CA ARG B 128 6.63 -18.28 -18.87
C ARG B 128 5.22 -17.86 -19.32
N PHE B 129 4.23 -18.72 -19.07
CA PHE B 129 2.85 -18.34 -19.37
C PHE B 129 2.43 -17.09 -18.62
N LEU B 130 2.73 -17.04 -17.31
CA LEU B 130 2.28 -15.94 -16.48
C LEU B 130 2.76 -14.60 -17.02
N ARG B 131 4.04 -14.51 -17.41
CA ARG B 131 4.56 -13.26 -17.99
C ARG B 131 3.75 -12.87 -19.20
N ALA B 132 3.53 -13.83 -20.11
CA ALA B 132 2.80 -13.57 -21.35
C ALA B 132 1.43 -12.96 -21.10
N ILE B 133 0.83 -13.24 -19.95
CA ILE B 133 -0.49 -12.68 -19.63
C ILE B 133 -0.38 -11.47 -18.68
N GLY B 134 0.79 -10.84 -18.62
CA GLY B 134 0.94 -9.56 -17.97
C GLY B 134 1.45 -9.61 -16.54
N ASP B 135 1.77 -10.80 -16.02
CA ASP B 135 2.19 -11.06 -14.64
C ASP B 135 3.70 -10.98 -14.53
N PRO B 136 4.23 -9.86 -14.05
CA PRO B 136 5.69 -9.67 -14.09
C PRO B 136 6.44 -10.33 -12.94
N VAL B 137 5.73 -10.84 -11.93
CA VAL B 137 6.35 -11.20 -10.68
C VAL B 137 6.25 -12.68 -10.36
N THR B 138 5.08 -13.30 -10.60
CA THR B 138 4.85 -14.65 -10.09
C THR B 138 5.76 -15.66 -10.77
N ARG B 139 6.38 -16.54 -9.97
CA ARG B 139 7.26 -17.55 -10.53
C ARG B 139 7.07 -18.88 -9.81
N LEU B 140 7.09 -19.97 -10.61
CA LEU B 140 7.12 -21.34 -10.12
C LEU B 140 8.44 -21.99 -10.52
N ASP B 141 9.04 -22.72 -9.60
CA ASP B 141 10.39 -23.23 -9.82
C ASP B 141 10.60 -24.67 -9.39
N ARG B 142 9.78 -25.21 -8.52
CA ARG B 142 9.93 -26.60 -8.11
C ARG B 142 8.61 -27.35 -8.34
N TRP B 143 8.65 -28.63 -8.00
CA TRP B 143 7.50 -29.53 -8.11
C TRP B 143 6.93 -29.81 -6.74
N GLU B 144 5.78 -30.47 -6.74
CA GLU B 144 5.20 -30.89 -5.45
C GLU B 144 5.99 -32.11 -5.02
N THR B 145 6.64 -32.04 -3.87
CA THR B 145 6.09 -31.34 -2.67
C THR B 145 7.13 -30.34 -2.19
N ALA B 146 7.94 -29.81 -3.12
CA ALA B 146 9.02 -28.90 -2.71
C ALA B 146 8.58 -27.46 -2.90
N LEU B 147 7.69 -27.23 -3.85
CA LEU B 147 7.18 -25.85 -4.03
C LEU B 147 6.67 -25.37 -2.68
N ASN B 148 6.68 -26.24 -1.68
CA ASN B 148 6.13 -25.78 -0.42
C ASN B 148 7.22 -25.47 0.61
N GLU B 149 8.51 -25.49 0.23
CA GLU B 149 9.56 -25.27 1.21
C GLU B 149 9.39 -23.95 1.96
N ALA B 150 9.15 -22.85 1.22
CA ALA B 150 8.78 -21.54 1.78
C ALA B 150 9.80 -21.00 2.77
N THR B 151 11.08 -21.16 2.47
CA THR B 151 12.13 -20.55 3.29
C THR B 151 12.09 -19.04 3.11
N PRO B 152 12.06 -18.27 4.21
CA PRO B 152 11.97 -16.81 4.07
C PRO B 152 13.16 -16.25 3.29
N GLY B 153 12.87 -15.35 2.36
CA GLY B 153 13.92 -14.78 1.53
C GLY B 153 14.20 -15.55 0.26
N ASP B 154 13.65 -16.76 0.12
CA ASP B 154 13.73 -17.57 -1.08
C ASP B 154 12.67 -17.07 -2.06
N VAL B 155 13.11 -16.65 -3.27
CA VAL B 155 12.14 -16.08 -4.20
C VAL B 155 11.40 -17.12 -5.00
N ARG B 156 11.78 -18.38 -4.90
CA ARG B 156 11.13 -19.43 -5.67
C ARG B 156 9.71 -19.73 -5.21
N ASP B 157 8.87 -20.10 -6.19
CA ASP B 157 7.50 -20.59 -5.99
C ASP B 157 6.63 -19.57 -5.26
N THR B 158 6.72 -18.33 -5.71
CA THR B 158 6.11 -17.20 -5.02
C THR B 158 5.25 -16.40 -5.98
N THR B 159 4.38 -15.60 -5.38
CA THR B 159 3.53 -14.61 -6.04
C THR B 159 3.54 -13.40 -5.14
N THR B 160 2.88 -12.33 -5.58
CA THR B 160 2.51 -11.28 -4.64
C THR B 160 1.00 -11.18 -4.61
N PRO B 161 0.42 -10.72 -3.50
CA PRO B 161 -1.05 -10.63 -3.49
C PRO B 161 -1.55 -9.75 -4.63
N ARG B 162 -0.76 -8.73 -5.01
CA ARG B 162 -1.14 -7.89 -6.15
C ARG B 162 -1.04 -8.67 -7.45
N ALA B 163 0.08 -9.36 -7.67
CA ALA B 163 0.28 -10.06 -8.93
C ALA B 163 -0.72 -11.20 -9.08
N MET B 164 -1.02 -11.90 -7.98
CA MET B 164 -1.92 -13.04 -8.08
C MET B 164 -3.34 -12.58 -8.37
N ALA B 165 -3.80 -11.52 -7.71
CA ALA B 165 -5.14 -11.01 -7.99
C ALA B 165 -5.26 -10.50 -9.43
N ALA B 166 -4.23 -9.83 -9.92
CA ALA B 166 -4.25 -9.35 -11.31
C ALA B 166 -4.32 -10.52 -12.29
N THR B 167 -3.48 -11.52 -12.08
CA THR B 167 -3.43 -12.69 -12.96
C THR B 167 -4.74 -13.45 -12.96
N LEU B 168 -5.35 -13.62 -11.78
CA LEU B 168 -6.68 -14.22 -11.73
C LEU B 168 -7.71 -13.36 -12.47
N ARG B 169 -7.52 -12.03 -12.49
CA ARG B 169 -8.39 -11.17 -13.29
C ARG B 169 -8.30 -11.53 -14.77
N THR B 170 -7.07 -11.59 -15.31
CA THR B 170 -6.88 -11.95 -16.71
C THR B 170 -7.39 -13.35 -17.02
N LEU B 171 -7.35 -14.27 -16.06
CA LEU B 171 -7.72 -15.66 -16.32
C LEU B 171 -9.24 -15.87 -16.29
N LEU B 172 -9.90 -15.46 -15.19
CA LEU B 172 -11.31 -15.80 -15.00
C LEU B 172 -12.29 -14.80 -15.60
N LEU B 173 -11.94 -13.53 -15.63
CA LEU B 173 -12.81 -12.53 -16.24
C LEU B 173 -12.18 -11.85 -17.43
N GLY B 174 -10.85 -11.79 -17.49
CA GLY B 174 -10.12 -11.23 -18.60
C GLY B 174 -10.14 -12.12 -19.82
N ASP B 175 -9.21 -11.87 -20.75
CA ASP B 175 -9.19 -12.50 -22.07
C ASP B 175 -8.06 -13.50 -22.28
N ALA B 176 -7.34 -13.89 -21.22
CA ALA B 176 -6.25 -14.84 -21.41
C ALA B 176 -6.78 -16.20 -21.85
N LEU B 177 -7.99 -16.55 -21.43
CA LEU B 177 -8.63 -17.81 -21.74
C LEU B 177 -9.92 -17.51 -22.51
N THR B 178 -10.34 -18.44 -23.37
CA THR B 178 -11.57 -18.26 -24.10
C THR B 178 -12.77 -18.29 -23.16
N PRO B 179 -13.88 -17.64 -23.54
CA PRO B 179 -15.09 -17.70 -22.69
C PRO B 179 -15.47 -19.10 -22.25
N ALA B 180 -15.29 -20.10 -23.12
CA ALA B 180 -15.50 -21.47 -22.69
C ALA B 180 -14.47 -21.91 -21.66
N SER B 181 -13.19 -21.54 -21.85
CA SER B 181 -12.16 -22.02 -20.92
C SER B 181 -12.27 -21.36 -19.56
N ARG B 182 -12.62 -20.06 -19.52
CA ARG B 182 -12.75 -19.39 -18.24
C ARG B 182 -13.80 -20.08 -17.39
N GLN B 183 -14.97 -20.34 -18.00
CA GLN B 183 -16.07 -20.91 -17.24
C GLN B 183 -15.80 -22.33 -16.81
N GLN B 184 -14.88 -23.04 -17.49
CA GLN B 184 -14.45 -24.32 -16.94
C GLN B 184 -13.57 -24.10 -15.71
N LEU B 185 -12.61 -23.17 -15.80
CA LEU B 185 -11.80 -22.86 -14.62
C LEU B 185 -12.66 -22.27 -13.50
N ILE B 186 -13.55 -21.32 -13.83
CA ILE B 186 -14.39 -20.71 -12.80
C ILE B 186 -15.25 -21.77 -12.11
N ALA B 187 -15.85 -22.65 -12.90
CA ALA B 187 -16.63 -23.73 -12.30
C ALA B 187 -15.76 -24.58 -11.37
N TRP B 188 -14.53 -24.90 -11.79
CA TRP B 188 -13.66 -25.73 -10.97
C TRP B 188 -13.38 -25.07 -9.62
N LEU B 189 -13.14 -23.76 -9.62
CA LEU B 189 -12.82 -23.11 -8.37
C LEU B 189 -14.04 -23.10 -7.44
N GLU B 190 -15.23 -22.95 -8.00
CA GLU B 190 -16.43 -23.07 -7.19
C GLU B 190 -16.61 -24.49 -6.68
N ALA B 191 -16.05 -25.47 -7.37
CA ALA B 191 -16.11 -26.86 -6.94
C ALA B 191 -14.97 -27.25 -6.01
N ASN B 192 -14.11 -26.32 -5.60
CA ASN B 192 -13.07 -26.65 -4.63
C ASN B 192 -13.70 -27.16 -3.34
N GLN B 193 -12.99 -28.06 -2.66
CA GLN B 193 -13.48 -28.69 -1.46
C GLN B 193 -12.51 -28.62 -0.29
N VAL B 194 -11.30 -28.09 -0.49
CA VAL B 194 -10.29 -28.18 0.55
C VAL B 194 -9.99 -26.85 1.21
N GLY B 195 -10.64 -25.76 0.79
CA GLY B 195 -10.37 -24.47 1.39
C GLY B 195 -11.42 -23.94 2.34
N GLY B 196 -12.45 -24.72 2.65
CA GLY B 196 -13.64 -24.29 3.36
C GLY B 196 -13.52 -23.20 4.41
N PRO B 197 -12.77 -23.46 5.48
CA PRO B 197 -12.81 -22.56 6.65
C PRO B 197 -12.12 -21.22 6.42
N LEU B 198 -11.28 -21.09 5.40
CA LEU B 198 -10.55 -19.84 5.23
C LEU B 198 -11.46 -18.73 4.75
N LEU B 199 -12.38 -19.04 3.82
CA LEU B 199 -13.29 -18.00 3.37
C LEU B 199 -14.71 -18.52 3.24
N ARG B 200 -14.88 -19.69 2.61
CA ARG B 200 -16.22 -20.17 2.27
C ARG B 200 -17.14 -20.24 3.47
N ALA B 201 -16.63 -20.76 4.60
CA ALA B 201 -17.49 -21.09 5.72
C ALA B 201 -18.16 -19.86 6.32
N GLY B 202 -17.40 -18.78 6.47
CA GLY B 202 -17.98 -17.56 6.99
C GLY B 202 -18.62 -16.65 5.96
N LEU B 203 -18.54 -17.00 4.69
CA LEU B 203 -19.16 -16.21 3.65
C LEU B 203 -20.66 -16.51 3.70
N PRO B 204 -21.52 -15.51 3.86
CA PRO B 204 -22.97 -15.79 3.92
C PRO B 204 -23.42 -16.55 2.68
N ALA B 205 -24.46 -17.35 2.84
CA ALA B 205 -24.96 -18.13 1.72
C ALA B 205 -25.64 -17.22 0.71
N GLY B 206 -25.63 -17.65 -0.57
CA GLY B 206 -26.17 -16.86 -1.65
C GLY B 206 -25.14 -16.11 -2.47
N TRP B 207 -23.95 -15.88 -1.92
CA TRP B 207 -22.86 -15.35 -2.72
C TRP B 207 -22.19 -16.52 -3.45
N ARG B 208 -21.70 -16.26 -4.65
CA ARG B 208 -20.95 -17.29 -5.37
C ARG B 208 -19.46 -17.07 -5.06
N ILE B 209 -18.81 -18.11 -4.53
CA ILE B 209 -17.38 -18.08 -4.27
C ILE B 209 -16.74 -19.29 -4.93
N GLY B 210 -15.70 -19.04 -5.71
CA GLY B 210 -14.78 -20.08 -6.11
C GLY B 210 -13.43 -19.74 -5.49
N ASP B 211 -12.76 -20.73 -4.91
CA ASP B 211 -11.50 -20.43 -4.25
C ASP B 211 -10.48 -21.53 -4.51
N LYS B 212 -9.26 -21.25 -4.10
CA LYS B 212 -8.17 -22.21 -4.11
C LYS B 212 -7.27 -21.80 -2.96
N THR B 213 -6.84 -22.79 -2.20
CA THR B 213 -6.12 -22.55 -0.97
C THR B 213 -4.76 -23.21 -0.99
N GLY B 214 -3.87 -22.68 -0.17
CA GLY B 214 -2.53 -23.22 -0.02
C GLY B 214 -2.24 -23.41 1.45
N ALA B 215 -1.56 -24.48 1.75
CA ALA B 215 -1.11 -24.74 3.11
C ALA B 215 0.36 -25.13 3.10
N GLY B 216 0.98 -24.97 4.27
CA GLY B 216 2.36 -25.42 4.51
C GLY B 216 3.46 -24.55 3.97
N GLY B 217 4.64 -24.68 4.58
CA GLY B 217 5.81 -23.82 4.47
C GLY B 217 6.14 -23.39 5.86
N ARG B 218 7.09 -22.45 6.00
CA ARG B 218 7.38 -21.94 7.35
C ARG B 218 6.14 -21.32 8.00
N GLY B 219 5.04 -22.08 8.06
CA GLY B 219 3.80 -21.60 8.60
C GLY B 219 2.92 -21.01 7.55
N THR B 220 3.10 -21.40 6.29
CA THR B 220 2.46 -20.72 5.18
C THR B 220 1.02 -21.18 4.98
N ARG B 221 0.10 -20.22 4.91
CA ARG B 221 -1.30 -20.46 4.53
C ARG B 221 -1.75 -19.31 3.63
N GLY B 222 -2.38 -19.66 2.51
CA GLY B 222 -2.80 -18.67 1.55
C GLY B 222 -4.16 -19.04 0.99
N ILE B 223 -4.81 -18.06 0.36
CA ILE B 223 -6.10 -18.27 -0.28
C ILE B 223 -6.25 -17.26 -1.40
N VAL B 224 -6.78 -17.72 -2.54
CA VAL B 224 -7.26 -16.86 -3.62
C VAL B 224 -8.74 -17.17 -3.79
N ALA B 225 -9.52 -16.17 -4.20
CA ALA B 225 -10.96 -16.35 -4.33
C ALA B 225 -11.58 -15.29 -5.25
N ILE B 226 -12.60 -15.71 -5.99
CA ILE B 226 -13.56 -14.82 -6.67
C ILE B 226 -14.87 -14.91 -5.90
N VAL B 227 -15.46 -13.75 -5.59
CA VAL B 227 -16.76 -13.68 -4.92
C VAL B 227 -17.71 -12.81 -5.75
N TRP B 228 -18.96 -13.29 -5.91
CA TRP B 228 -20.06 -12.51 -6.49
C TRP B 228 -21.14 -12.20 -5.46
N PRO B 229 -21.09 -11.03 -4.78
CA PRO B 229 -22.22 -10.59 -3.92
C PRO B 229 -23.54 -10.40 -4.67
N PRO B 234 -17.67 -9.72 -8.93
CA PRO B 234 -16.71 -8.72 -9.41
C PRO B 234 -15.51 -8.45 -8.49
N LEU B 235 -15.31 -9.25 -7.41
CA LEU B 235 -14.21 -9.04 -6.46
C LEU B 235 -13.27 -10.25 -6.43
N ILE B 236 -11.95 -9.99 -6.59
CA ILE B 236 -10.89 -11.01 -6.48
C ILE B 236 -9.97 -10.66 -5.32
N ALA B 237 -9.76 -11.60 -4.41
CA ALA B 237 -8.92 -11.37 -3.24
C ALA B 237 -7.83 -12.43 -3.10
N ALA B 238 -6.65 -12.00 -2.65
CA ALA B 238 -5.53 -12.90 -2.37
C ALA B 238 -5.03 -12.64 -0.96
N VAL B 239 -5.07 -13.66 -0.10
CA VAL B 239 -4.66 -13.49 1.28
C VAL B 239 -3.62 -14.55 1.63
N TYR B 240 -2.41 -14.11 1.97
CA TYR B 240 -1.32 -14.99 2.33
C TYR B 240 -0.77 -14.62 3.70
N LEU B 241 -0.42 -15.64 4.48
CA LEU B 241 0.25 -15.47 5.78
C LEU B 241 1.41 -16.46 5.80
N THR B 242 2.55 -16.01 6.29
CA THR B 242 3.72 -16.88 6.29
C THR B 242 4.65 -16.46 7.42
N GLU B 243 5.67 -17.28 7.66
CA GLU B 243 6.63 -17.05 8.73
C GLU B 243 5.95 -17.10 10.09
N SER B 244 4.98 -18.00 10.22
CA SER B 244 4.27 -18.21 11.47
C SER B 244 4.65 -19.57 12.05
N GLU B 245 4.63 -19.65 13.37
CA GLU B 245 4.78 -20.90 14.06
C GLU B 245 3.46 -21.38 14.62
N ALA B 246 2.35 -20.86 14.11
CA ALA B 246 1.04 -21.21 14.65
C ALA B 246 0.57 -22.56 14.11
N SER B 247 -0.46 -23.08 14.75
CA SER B 247 -1.05 -24.34 14.36
C SER B 247 -1.87 -24.14 13.09
N MET B 248 -2.20 -25.25 12.42
CA MET B 248 -3.06 -25.12 11.26
C MET B 248 -4.40 -24.54 11.64
N ASP B 249 -4.79 -24.70 12.90
CA ASP B 249 -6.05 -24.16 13.38
C ASP B 249 -5.94 -22.65 13.59
N GLU B 250 -4.98 -22.22 14.42
CA GLU B 250 -4.81 -20.79 14.65
C GLU B 250 -4.43 -20.05 13.36
N ARG B 251 -3.77 -20.74 12.43
CA ARG B 251 -3.49 -20.15 11.12
C ARG B 251 -4.74 -20.13 10.26
N ASN B 252 -5.61 -21.13 10.36
CA ASN B 252 -6.86 -21.05 9.61
C ASN B 252 -7.74 -19.91 10.15
N ALA B 253 -7.71 -19.70 11.46
CA ALA B 253 -8.55 -18.69 12.08
C ALA B 253 -8.07 -17.30 11.73
N ALA B 254 -6.79 -17.15 11.38
CA ALA B 254 -6.33 -15.83 11.01
C ALA B 254 -6.77 -15.48 9.60
N ILE B 255 -6.68 -16.44 8.66
CA ILE B 255 -7.07 -16.15 7.29
C ILE B 255 -8.57 -15.90 7.23
N ALA B 256 -9.36 -16.62 8.03
CA ALA B 256 -10.79 -16.38 7.98
C ALA B 256 -11.15 -15.08 8.66
N GLU B 257 -10.41 -14.68 9.70
CA GLU B 257 -10.70 -13.41 10.36
C GLU B 257 -10.30 -12.21 9.51
N ILE B 258 -9.27 -12.35 8.68
CA ILE B 258 -8.90 -11.28 7.75
C ILE B 258 -9.93 -11.18 6.65
N GLY B 259 -10.33 -12.32 6.09
CA GLY B 259 -11.34 -12.32 5.05
C GLY B 259 -12.68 -11.83 5.54
N ALA B 260 -12.99 -12.09 6.82
CA ALA B 260 -14.21 -11.56 7.42
C ALA B 260 -14.20 -10.04 7.43
N ALA B 261 -13.13 -9.43 7.92
CA ALA B 261 -13.07 -7.97 7.94
C ALA B 261 -13.20 -7.38 6.54
N LEU B 262 -12.88 -8.16 5.50
CA LEU B 262 -12.92 -7.68 4.13
C LEU B 262 -14.31 -7.72 3.53
N VAL B 263 -15.06 -8.79 3.79
CA VAL B 263 -16.38 -8.90 3.18
C VAL B 263 -17.38 -7.95 3.82
N LYS B 264 -16.99 -7.34 4.93
CA LYS B 264 -17.75 -6.23 5.50
C LYS B 264 -17.01 -4.96 5.14
N HIS B 265 -16.11 -4.59 6.03
CA HIS B 265 -15.53 -3.26 6.13
C HIS B 265 -14.53 -2.99 4.99
#